data_7MU1
#
_entry.id   7MU1
#
_cell.length_a   1.00
_cell.length_b   1.00
_cell.length_c   1.00
_cell.angle_alpha   90.00
_cell.angle_beta   90.00
_cell.angle_gamma   90.00
#
_symmetry.space_group_name_H-M   'P 1'
#
loop_
_entity.id
_entity.type
_entity.pdbx_description
1 polymer Maritimacin
2 non-polymer 'FLAVIN MONONUCLEOTIDE'
#
_entity_poly.entity_id   1
_entity_poly.type   'polypeptide(L)'
_entity_poly.pdbx_seq_one_letter_code
;MEFLKRSFAPLTEKQWQEIDNRAREIFKTQLYGRKFVDVEGPYGWEYAAHPLGEVEVLSDENEVVKWGLRKSLPLIELRA
TFTLDLWELDNLERGKPNVDLSSLEETVRKVAEFEDEVIFRGCEKSGVKGLLSFEERKIECGSTPKDLLEAIVRALSIFS
KDGIEGPYTLVINTDRWINFLKEEAGHYPLEKRVEECLRGGKIITTPRIEDALVVSERGGDFKLILGQDLSIGYEDREKD
AVRLFITETFTFQVVNPEALILLK
;
_entity_poly.pdbx_strand_id   A
#
loop_
_chem_comp.id
_chem_comp.type
_chem_comp.name
_chem_comp.formula
FMN non-polymer 'FLAVIN MONONUCLEOTIDE' 'C17 H21 N4 O9 P'
#
# COMPACT_ATOMS: atom_id res chain seq x y z
N MET A 1 0.34 15.00 -15.13
CA MET A 1 1.04 15.67 -16.22
C MET A 1 0.05 15.74 -17.39
N GLU A 2 0.51 16.15 -18.57
CA GLU A 2 -0.37 16.40 -19.70
C GLU A 2 -0.96 15.13 -20.30
N PHE A 3 -0.43 13.94 -19.95
CA PHE A 3 -1.04 12.71 -20.46
C PHE A 3 -2.41 12.50 -19.84
N LEU A 4 -2.60 12.89 -18.58
CA LEU A 4 -3.92 12.94 -17.99
C LEU A 4 -4.71 14.04 -18.69
N LYS A 5 -5.64 13.65 -19.55
CA LYS A 5 -6.32 14.64 -20.37
C LYS A 5 -7.37 15.39 -19.55
N ARG A 6 -6.90 16.05 -18.49
CA ARG A 6 -7.81 16.74 -17.57
C ARG A 6 -8.36 18.02 -18.18
N SER A 7 -7.54 18.72 -18.97
CA SER A 7 -7.95 19.99 -19.55
C SER A 7 -9.01 19.84 -20.63
N PHE A 8 -9.30 18.63 -21.06
CA PHE A 8 -10.33 18.38 -22.07
C PHE A 8 -11.65 17.91 -21.46
N ALA A 9 -11.75 17.87 -20.14
CA ALA A 9 -12.98 17.43 -19.51
C ALA A 9 -13.92 18.61 -19.27
N PRO A 10 -15.23 18.41 -19.37
CA PRO A 10 -16.16 19.51 -19.12
C PRO A 10 -16.32 19.82 -17.64
N LEU A 11 -15.19 19.98 -16.94
CA LEU A 11 -15.20 20.27 -15.51
C LEU A 11 -14.37 21.52 -15.26
N THR A 12 -14.90 22.41 -14.43
CA THR A 12 -14.17 23.60 -14.05
C THR A 12 -13.05 23.24 -13.08
N GLU A 13 -12.23 24.24 -12.74
CA GLU A 13 -11.14 24.01 -11.80
C GLU A 13 -11.68 23.64 -10.42
N LYS A 14 -12.78 24.25 -10.00
CA LYS A 14 -13.36 23.94 -8.70
C LYS A 14 -13.83 22.48 -8.65
N GLN A 15 -14.47 22.00 -9.71
CA GLN A 15 -14.94 20.62 -9.73
C GLN A 15 -13.77 19.65 -9.71
N TRP A 16 -12.73 19.94 -10.50
CA TRP A 16 -11.54 19.09 -10.47
C TRP A 16 -10.91 19.05 -9.09
N GLN A 17 -10.79 20.20 -8.43
CA GLN A 17 -10.15 20.19 -7.12
C GLN A 17 -11.04 19.55 -6.06
N GLU A 18 -12.36 19.62 -6.19
CA GLU A 18 -13.23 18.89 -5.27
C GLU A 18 -13.06 17.39 -5.44
N ILE A 19 -13.03 16.91 -6.69
CA ILE A 19 -12.80 15.49 -6.94
C ILE A 19 -11.45 15.07 -6.40
N ASP A 20 -10.43 15.90 -6.64
CA ASP A 20 -9.08 15.60 -6.16
C ASP A 20 -9.04 15.55 -4.64
N ASN A 21 -9.71 16.48 -3.96
CA ASN A 21 -9.72 16.49 -2.50
C ASN A 21 -10.40 15.25 -1.95
N ARG A 22 -11.54 14.87 -2.53
CA ARG A 22 -12.24 13.67 -2.05
C ARG A 22 -11.38 12.43 -2.25
N ALA A 23 -10.78 12.28 -3.44
CA ALA A 23 -9.94 11.12 -3.70
C ALA A 23 -8.73 11.11 -2.79
N ARG A 24 -8.12 12.28 -2.57
CA ARG A 24 -6.95 12.36 -1.69
C ARG A 24 -7.30 11.96 -0.26
N GLU A 25 -8.44 12.44 0.24
CA GLU A 25 -8.87 12.06 1.58
C GLU A 25 -9.05 10.55 1.68
N ILE A 26 -9.78 9.96 0.74
CA ILE A 26 -10.09 8.53 0.85
C ILE A 26 -8.82 7.70 0.69
N PHE A 27 -7.94 8.12 -0.21
CA PHE A 27 -6.69 7.42 -0.46
C PHE A 27 -5.77 7.52 0.75
N LYS A 28 -5.72 8.71 1.33
CA LYS A 28 -4.87 8.96 2.50
C LYS A 28 -5.31 8.15 3.71
N THR A 29 -6.62 7.98 3.86
CA THR A 29 -7.16 7.23 4.99
C THR A 29 -7.29 5.74 4.72
N GLN A 30 -7.18 5.30 3.46
CA GLN A 30 -7.38 3.91 3.09
C GLN A 30 -6.17 3.26 2.45
N LEU A 31 -5.02 3.93 2.44
CA LEU A 31 -3.79 3.33 1.91
C LEU A 31 -2.97 2.84 3.09
N TYR A 32 -3.33 1.65 3.58
CA TYR A 32 -2.62 1.08 4.72
C TYR A 32 -1.22 0.61 4.36
N GLY A 33 -0.98 0.31 3.09
CA GLY A 33 0.36 -0.10 2.68
C GLY A 33 1.38 1.02 2.82
N ARG A 34 0.99 2.24 2.47
CA ARG A 34 1.89 3.38 2.47
C ARG A 34 2.09 3.97 3.86
N LYS A 35 1.68 3.28 4.92
CA LYS A 35 1.87 3.78 6.27
C LYS A 35 3.16 3.31 6.92
N PHE A 36 3.77 2.23 6.41
CA PHE A 36 5.03 1.74 6.95
C PHE A 36 6.10 1.43 5.91
N VAL A 37 5.74 1.29 4.64
CA VAL A 37 6.74 1.00 3.61
C VAL A 37 7.37 2.30 3.13
N ASP A 38 8.57 2.20 2.57
CA ASP A 38 9.27 3.33 2.00
C ASP A 38 8.80 3.55 0.57
N VAL A 39 8.50 4.79 0.23
CA VAL A 39 7.97 5.13 -1.09
C VAL A 39 9.08 5.79 -1.90
N GLU A 40 9.58 5.10 -2.90
CA GLU A 40 10.53 5.70 -3.82
C GLU A 40 9.84 6.73 -4.70
N GLY A 41 10.53 7.84 -4.94
CA GLY A 41 9.96 8.96 -5.65
C GLY A 41 9.51 8.59 -7.04
N PRO A 42 8.46 9.27 -7.53
CA PRO A 42 7.96 8.98 -8.88
C PRO A 42 9.04 9.23 -9.93
N TYR A 43 9.21 8.25 -10.81
CA TYR A 43 10.17 8.34 -11.89
C TYR A 43 9.56 8.83 -13.19
N GLY A 44 8.26 9.10 -13.21
CA GLY A 44 7.59 9.62 -14.38
C GLY A 44 6.70 8.57 -15.03
N TRP A 45 5.87 9.06 -15.96
CA TRP A 45 4.94 8.18 -16.67
C TRP A 45 5.66 7.19 -17.56
N GLU A 46 6.93 7.44 -17.89
CA GLU A 46 7.67 6.61 -18.83
C GLU A 46 8.46 5.49 -18.17
N TYR A 47 8.48 5.43 -16.83
CA TYR A 47 9.21 4.37 -16.15
C TYR A 47 8.58 3.02 -16.43
N ALA A 48 9.39 2.03 -16.76
CA ALA A 48 8.89 0.74 -17.20
C ALA A 48 9.31 -0.43 -16.32
N ALA A 49 10.52 -0.39 -15.74
CA ALA A 49 10.99 -1.52 -14.94
C ALA A 49 11.99 -1.03 -13.92
N HIS A 50 12.01 -1.69 -12.77
CA HIS A 50 12.94 -1.38 -11.69
C HIS A 50 14.11 -2.35 -11.73
N PRO A 51 15.35 -1.87 -11.81
CA PRO A 51 16.49 -2.78 -11.86
C PRO A 51 16.63 -3.60 -10.58
N LEU A 52 16.78 -4.91 -10.74
CA LEU A 52 17.04 -5.80 -9.62
C LEU A 52 18.53 -6.04 -9.38
N GLY A 53 19.39 -5.53 -10.25
CA GLY A 53 20.82 -5.71 -10.08
C GLY A 53 21.29 -7.14 -10.19
N GLU A 54 20.71 -7.91 -11.10
CA GLU A 54 21.09 -9.31 -11.30
C GLU A 54 21.20 -9.59 -12.78
N VAL A 55 21.92 -10.66 -13.11
CA VAL A 55 22.07 -11.12 -14.48
C VAL A 55 21.64 -12.57 -14.54
N GLU A 56 20.76 -12.90 -15.48
CA GLU A 56 20.31 -14.27 -15.72
C GLU A 56 21.11 -14.82 -16.89
N VAL A 57 22.15 -15.58 -16.59
CA VAL A 57 23.04 -16.08 -17.63
C VAL A 57 22.30 -17.13 -18.45
N LEU A 58 22.25 -16.92 -19.77
CA LEU A 58 21.52 -17.80 -20.67
C LEU A 58 22.41 -18.38 -21.77
N SER A 59 23.71 -18.40 -21.56
CA SER A 59 24.66 -18.94 -22.54
C SER A 59 25.22 -20.26 -22.05
N ASP A 60 25.68 -21.07 -22.99
CA ASP A 60 26.25 -22.36 -22.68
C ASP A 60 27.62 -22.20 -22.03
N GLU A 61 28.03 -23.23 -21.28
CA GLU A 61 29.30 -23.19 -20.57
C GLU A 61 30.51 -23.27 -21.49
N ASN A 62 30.33 -23.77 -22.71
CA ASN A 62 31.43 -23.86 -23.66
C ASN A 62 31.58 -22.60 -24.51
N GLU A 63 30.60 -21.70 -24.48
CA GLU A 63 30.66 -20.51 -25.32
C GLU A 63 31.78 -19.59 -24.88
N VAL A 64 32.35 -18.87 -25.85
CA VAL A 64 33.43 -17.94 -25.55
C VAL A 64 32.88 -16.61 -25.06
N VAL A 65 31.79 -16.15 -25.66
CA VAL A 65 31.15 -14.88 -25.24
C VAL A 65 29.91 -15.29 -24.45
N LYS A 66 30.09 -15.37 -23.13
CA LYS A 66 28.99 -15.71 -22.24
C LYS A 66 28.20 -14.46 -21.90
N TRP A 67 26.88 -14.54 -22.02
CA TRP A 67 26.01 -13.38 -21.88
C TRP A 67 24.79 -13.76 -21.04
N GLY A 68 24.00 -12.74 -20.72
CA GLY A 68 22.76 -12.95 -19.99
C GLY A 68 21.93 -11.68 -19.87
N LEU A 69 20.62 -11.84 -19.73
CA LEU A 69 19.74 -10.68 -19.57
C LEU A 69 19.85 -10.12 -18.16
N ARG A 70 19.41 -8.88 -18.01
CA ARG A 70 19.43 -8.18 -16.73
C ARG A 70 18.07 -8.30 -16.08
N LYS A 71 18.04 -8.76 -14.83
CA LYS A 71 16.79 -8.95 -14.12
C LYS A 71 16.21 -7.60 -13.71
N SER A 72 14.90 -7.43 -13.93
CA SER A 72 14.20 -6.22 -13.57
C SER A 72 12.79 -6.57 -13.09
N LEU A 73 12.15 -5.60 -12.46
CA LEU A 73 10.78 -5.75 -11.96
C LEU A 73 9.84 -4.91 -12.81
N PRO A 74 8.96 -5.52 -13.61
CA PRO A 74 8.05 -4.72 -14.42
C PRO A 74 7.08 -3.92 -13.56
N LEU A 75 6.74 -2.73 -14.04
CA LEU A 75 5.82 -1.86 -13.32
C LEU A 75 4.39 -2.25 -13.62
N ILE A 76 3.55 -2.21 -12.59
CA ILE A 76 2.13 -2.51 -12.73
C ILE A 76 1.38 -1.20 -12.95
N GLU A 77 0.72 -1.09 -14.09
CA GLU A 77 -0.07 0.09 -14.44
C GLU A 77 -1.54 -0.28 -14.32
N LEU A 78 -2.27 0.44 -13.46
CA LEU A 78 -3.68 0.19 -13.21
C LEU A 78 -4.49 1.40 -13.63
N ARG A 79 -5.64 1.15 -14.26
CA ARG A 79 -6.58 2.20 -14.63
C ARG A 79 -7.97 1.76 -14.23
N ALA A 80 -8.57 2.47 -13.27
CA ALA A 80 -9.93 2.21 -12.83
C ALA A 80 -10.79 3.41 -13.22
N THR A 81 -11.75 3.18 -14.10
CA THR A 81 -12.57 4.25 -14.64
C THR A 81 -13.90 4.32 -13.90
N PHE A 82 -14.41 5.55 -13.76
CA PHE A 82 -15.67 5.79 -13.09
C PHE A 82 -16.37 6.96 -13.77
N THR A 83 -17.70 6.92 -13.74
CA THR A 83 -18.52 7.97 -14.35
C THR A 83 -19.14 8.82 -13.25
N LEU A 84 -18.99 10.13 -13.37
CA LEU A 84 -19.57 11.09 -12.43
C LEU A 84 -20.61 11.92 -13.16
N ASP A 85 -21.84 11.94 -12.63
CA ASP A 85 -22.92 12.67 -13.25
C ASP A 85 -22.57 14.15 -13.34
N LEU A 86 -22.76 14.72 -14.54
CA LEU A 86 -22.32 16.09 -14.79
C LEU A 86 -23.25 17.12 -14.16
N TRP A 87 -24.54 16.79 -14.03
CA TRP A 87 -25.47 17.71 -13.38
C TRP A 87 -25.11 17.93 -11.92
N GLU A 88 -24.65 16.89 -11.22
CA GLU A 88 -24.27 17.06 -9.83
C GLU A 88 -23.06 17.98 -9.68
N LEU A 89 -22.10 17.87 -10.59
CA LEU A 89 -20.95 18.78 -10.55
C LEU A 89 -21.36 20.20 -10.92
N ASP A 90 -22.30 20.36 -11.86
CA ASP A 90 -22.81 21.69 -12.13
C ASP A 90 -23.54 22.26 -10.93
N ASN A 91 -24.21 21.41 -10.15
CA ASN A 91 -24.78 21.85 -8.88
C ASN A 91 -23.69 22.26 -7.91
N LEU A 92 -22.55 21.57 -7.93
CA LEU A 92 -21.38 22.01 -7.18
C LEU A 92 -21.02 23.43 -7.57
N GLU A 93 -21.08 23.75 -8.87
CA GLU A 93 -20.84 25.12 -9.30
C GLU A 93 -21.92 26.08 -8.81
N ARG A 94 -23.13 25.57 -8.51
CA ARG A 94 -24.20 26.42 -8.01
C ARG A 94 -24.04 26.76 -6.53
N GLY A 95 -23.27 25.98 -5.78
CA GLY A 95 -23.07 26.26 -4.38
C GLY A 95 -23.41 25.09 -3.47
N LYS A 96 -23.55 23.90 -4.04
CA LYS A 96 -23.89 22.73 -3.25
C LYS A 96 -22.65 22.23 -2.51
N PRO A 97 -22.67 22.18 -1.18
CA PRO A 97 -21.48 21.68 -0.46
C PRO A 97 -21.32 20.18 -0.53
N ASN A 98 -22.40 19.42 -0.41
CA ASN A 98 -22.36 17.96 -0.36
C ASN A 98 -22.74 17.42 -1.73
N VAL A 99 -21.74 17.28 -2.58
CA VAL A 99 -21.95 16.79 -3.94
C VAL A 99 -21.74 15.28 -3.97
N ASP A 100 -22.62 14.58 -4.69
CA ASP A 100 -22.56 13.14 -4.74
C ASP A 100 -21.34 12.68 -5.54
N LEU A 101 -20.45 11.94 -4.88
CA LEU A 101 -19.26 11.38 -5.49
C LEU A 101 -19.12 9.92 -5.11
N SER A 102 -20.25 9.21 -4.99
CA SER A 102 -20.22 7.83 -4.51
C SER A 102 -19.44 6.92 -5.45
N SER A 103 -19.58 7.13 -6.76
CA SER A 103 -18.80 6.33 -7.70
C SER A 103 -17.31 6.58 -7.53
N LEU A 104 -16.92 7.84 -7.32
CA LEU A 104 -15.52 8.15 -7.07
C LEU A 104 -15.04 7.48 -5.79
N GLU A 105 -15.86 7.51 -4.73
CA GLU A 105 -15.47 6.89 -3.48
C GLU A 105 -15.26 5.40 -3.65
N GLU A 106 -16.19 4.73 -4.33
CA GLU A 106 -16.07 3.29 -4.54
C GLU A 106 -14.83 2.96 -5.36
N THR A 107 -14.58 3.72 -6.43
CA THR A 107 -13.42 3.46 -7.26
C THR A 107 -12.12 3.69 -6.50
N VAL A 108 -12.06 4.74 -5.69
CA VAL A 108 -10.86 5.00 -4.89
C VAL A 108 -10.63 3.87 -3.90
N ARG A 109 -11.70 3.40 -3.26
CA ARG A 109 -11.56 2.28 -2.32
C ARG A 109 -11.07 1.03 -3.04
N LYS A 110 -11.60 0.76 -4.24
CA LYS A 110 -11.16 -0.41 -5.00
C LYS A 110 -9.68 -0.29 -5.38
N VAL A 111 -9.25 0.90 -5.80
CA VAL A 111 -7.85 1.09 -6.16
C VAL A 111 -6.94 0.91 -4.94
N ALA A 112 -7.34 1.46 -3.80
CA ALA A 112 -6.56 1.29 -2.58
C ALA A 112 -6.48 -0.18 -2.18
N GLU A 113 -7.60 -0.90 -2.29
CA GLU A 113 -7.59 -2.33 -2.00
C GLU A 113 -6.67 -3.09 -2.94
N PHE A 114 -6.66 -2.73 -4.22
CA PHE A 114 -5.77 -3.38 -5.17
C PHE A 114 -4.30 -3.13 -4.83
N GLU A 115 -3.97 -1.89 -4.50
CA GLU A 115 -2.58 -1.58 -4.16
C GLU A 115 -2.15 -2.29 -2.89
N ASP A 116 -3.04 -2.35 -1.89
CA ASP A 116 -2.70 -3.05 -0.66
C ASP A 116 -2.61 -4.56 -0.89
N GLU A 117 -3.43 -5.11 -1.78
CA GLU A 117 -3.30 -6.51 -2.14
C GLU A 117 -1.94 -6.79 -2.78
N VAL A 118 -1.50 -5.90 -3.66
CA VAL A 118 -0.17 -6.05 -4.27
C VAL A 118 0.92 -5.96 -3.20
N ILE A 119 0.78 -5.02 -2.27
CA ILE A 119 1.83 -4.80 -1.27
C ILE A 119 1.91 -5.98 -0.32
N PHE A 120 0.77 -6.46 0.18
CA PHE A 120 0.74 -7.50 1.19
C PHE A 120 0.85 -8.90 0.60
N ARG A 121 -0.03 -9.24 -0.34
CA ARG A 121 -0.06 -10.59 -0.90
C ARG A 121 0.76 -10.74 -2.16
N GLY A 122 1.02 -9.66 -2.90
CA GLY A 122 1.84 -9.71 -4.08
C GLY A 122 1.08 -10.15 -5.32
N CYS A 123 1.78 -10.07 -6.45
CA CYS A 123 1.26 -10.53 -7.74
C CYS A 123 2.27 -11.48 -8.36
N GLU A 124 1.79 -12.65 -8.79
CA GLU A 124 2.67 -13.62 -9.43
C GLU A 124 2.99 -13.23 -10.87
N LYS A 125 2.04 -12.59 -11.57
CA LYS A 125 2.27 -12.24 -12.97
C LYS A 125 3.38 -11.19 -13.12
N SER A 126 3.43 -10.21 -12.22
CA SER A 126 4.43 -9.16 -12.29
C SER A 126 5.73 -9.49 -11.58
N GLY A 127 5.78 -10.60 -10.84
CA GLY A 127 6.99 -10.99 -10.15
C GLY A 127 7.23 -10.31 -8.83
N VAL A 128 6.23 -9.68 -8.25
CA VAL A 128 6.36 -9.02 -6.95
C VAL A 128 5.96 -9.98 -5.85
N LYS A 129 6.76 -10.02 -4.79
CA LYS A 129 6.51 -10.88 -3.64
C LYS A 129 6.08 -9.99 -2.47
N GLY A 130 4.88 -10.26 -1.93
CA GLY A 130 4.32 -9.44 -0.90
C GLY A 130 4.85 -9.74 0.48
N LEU A 131 4.35 -8.98 1.46
CA LEU A 131 4.78 -9.16 2.85
C LEU A 131 4.37 -10.51 3.40
N LEU A 132 3.15 -10.95 3.09
CA LEU A 132 2.63 -12.19 3.63
C LEU A 132 3.22 -13.43 3.00
N SER A 133 4.08 -13.29 1.99
CA SER A 133 4.67 -14.41 1.28
C SER A 133 5.99 -14.87 1.88
N PHE A 134 6.42 -14.25 2.98
CA PHE A 134 7.67 -14.61 3.64
C PHE A 134 7.35 -15.47 4.87
N GLU A 135 7.16 -16.76 4.63
CA GLU A 135 6.76 -17.66 5.70
C GLU A 135 7.89 -17.96 6.68
N GLU A 136 9.15 -17.81 6.24
CA GLU A 136 10.26 -18.09 7.14
C GLU A 136 10.41 -17.06 8.25
N ARG A 137 9.68 -15.96 8.19
CA ARG A 137 9.72 -14.91 9.19
C ARG A 137 8.50 -14.95 10.10
N LYS A 138 8.02 -16.15 10.42
CA LYS A 138 6.76 -16.33 11.13
C LYS A 138 7.00 -16.88 12.53
N ILE A 139 6.29 -16.34 13.51
CA ILE A 139 6.29 -16.84 14.88
C ILE A 139 4.85 -16.98 15.34
N GLU A 140 4.58 -18.02 16.14
CA GLU A 140 3.23 -18.28 16.60
C GLU A 140 2.81 -17.29 17.68
N CYS A 141 1.52 -17.26 17.96
CA CYS A 141 0.95 -16.37 18.96
C CYS A 141 -0.34 -16.98 19.49
N GLY A 142 -0.97 -16.27 20.43
CA GLY A 142 -2.21 -16.72 21.02
C GLY A 142 -3.28 -15.63 20.99
N SER A 143 -4.45 -15.99 21.50
CA SER A 143 -5.58 -15.08 21.53
C SER A 143 -5.68 -14.28 22.83
N THR A 144 -4.75 -14.47 23.75
CA THR A 144 -4.61 -13.80 25.03
C THR A 144 -3.72 -12.57 24.89
N PRO A 145 -4.08 -11.44 25.53
CA PRO A 145 -3.20 -10.27 25.45
C PRO A 145 -1.78 -10.55 25.92
N LYS A 146 -1.62 -11.36 26.97
CA LYS A 146 -0.28 -11.74 27.39
C LYS A 146 0.48 -12.45 26.27
N ASP A 147 -0.22 -13.29 25.51
CA ASP A 147 0.40 -13.95 24.37
C ASP A 147 0.84 -12.93 23.33
N LEU A 148 0.02 -11.90 23.08
CA LEU A 148 0.41 -10.87 22.12
C LEU A 148 1.64 -10.11 22.59
N LEU A 149 1.69 -9.74 23.86
CA LEU A 149 2.85 -9.01 24.36
C LEU A 149 4.11 -9.87 24.31
N GLU A 150 3.98 -11.16 24.66
CA GLU A 150 5.13 -12.06 24.58
C GLU A 150 5.59 -12.24 23.14
N ALA A 151 4.64 -12.33 22.20
CA ALA A 151 5.02 -12.41 20.79
C ALA A 151 5.73 -11.15 20.34
N ILE A 152 5.28 -9.99 20.82
CA ILE A 152 5.94 -8.73 20.46
C ILE A 152 7.37 -8.68 20.98
N VAL A 153 7.57 -9.07 22.25
CA VAL A 153 8.92 -9.03 22.80
C VAL A 153 9.82 -10.06 22.13
N ARG A 154 9.26 -11.23 21.77
CA ARG A 154 10.04 -12.20 21.02
C ARG A 154 10.40 -11.69 19.63
N ALA A 155 9.49 -10.99 18.97
CA ALA A 155 9.80 -10.38 17.69
C ALA A 155 10.90 -9.33 17.83
N LEU A 156 10.85 -8.54 18.90
CA LEU A 156 11.93 -7.59 19.12
C LEU A 156 13.27 -8.29 19.35
N SER A 157 13.27 -9.40 20.08
CA SER A 157 14.52 -10.14 20.27
C SER A 157 15.03 -10.69 18.95
N ILE A 158 14.13 -11.19 18.10
CA ILE A 158 14.55 -11.66 16.78
C ILE A 158 15.12 -10.53 15.95
N PHE A 159 14.49 -9.35 16.01
CA PHE A 159 15.00 -8.18 15.30
C PHE A 159 16.40 -7.82 15.79
N SER A 160 16.59 -7.84 17.11
CA SER A 160 17.91 -7.53 17.65
C SER A 160 18.95 -8.55 17.19
N LYS A 161 18.56 -9.83 17.15
CA LYS A 161 19.49 -10.86 16.67
C LYS A 161 19.83 -10.63 15.20
N ASP A 162 18.86 -10.22 14.39
CA ASP A 162 19.08 -10.01 12.97
C ASP A 162 19.76 -8.69 12.67
N GLY A 163 19.99 -7.85 13.67
CA GLY A 163 20.61 -6.56 13.46
C GLY A 163 19.66 -5.44 13.08
N ILE A 164 18.36 -5.70 13.06
CA ILE A 164 17.38 -4.66 12.74
C ILE A 164 17.13 -3.82 13.99
N GLU A 165 17.43 -2.53 13.90
CA GLU A 165 17.32 -1.63 15.04
C GLU A 165 16.65 -0.34 14.57
N GLY A 166 15.36 -0.19 14.90
CA GLY A 166 14.62 0.99 14.54
C GLY A 166 13.23 0.98 15.15
N PRO A 167 12.43 1.99 14.85
CA PRO A 167 11.04 2.00 15.35
C PRO A 167 10.28 0.80 14.81
N TYR A 168 9.45 0.22 15.67
CA TYR A 168 8.70 -0.99 15.35
C TYR A 168 7.21 -0.67 15.37
N THR A 169 6.47 -1.25 14.43
CA THR A 169 5.02 -1.08 14.38
C THR A 169 4.35 -2.44 14.34
N LEU A 170 3.12 -2.49 14.84
CA LEU A 170 2.29 -3.69 14.82
C LEU A 170 1.17 -3.51 13.82
N VAL A 171 1.21 -4.28 12.74
CA VAL A 171 0.18 -4.23 11.70
C VAL A 171 -0.75 -5.40 11.99
N ILE A 172 -1.82 -5.12 12.72
CA ILE A 172 -2.74 -6.16 13.18
C ILE A 172 -4.10 -5.92 12.54
N ASN A 173 -4.87 -7.00 12.39
CA ASN A 173 -6.21 -6.91 11.85
C ASN A 173 -7.12 -6.13 12.80
N THR A 174 -8.15 -5.50 12.24
CA THR A 174 -9.08 -4.72 13.06
C THR A 174 -9.87 -5.63 13.99
N ASP A 175 -10.44 -6.71 13.46
CA ASP A 175 -11.24 -7.60 14.29
C ASP A 175 -10.40 -8.27 15.37
N ARG A 176 -9.20 -8.68 15.01
CA ARG A 176 -8.28 -9.31 15.96
C ARG A 176 -8.00 -8.33 17.08
N TRP A 177 -7.73 -7.08 16.72
CA TRP A 177 -7.43 -6.04 17.70
C TRP A 177 -8.65 -5.81 18.59
N ILE A 178 -9.83 -5.81 18.00
CA ILE A 178 -11.06 -5.61 18.75
C ILE A 178 -11.20 -6.71 19.79
N ASN A 179 -10.85 -7.93 19.41
CA ASN A 179 -10.91 -9.07 20.31
C ASN A 179 -9.89 -8.93 21.43
N PHE A 180 -8.64 -8.62 21.09
CA PHE A 180 -7.61 -8.45 22.10
C PHE A 180 -8.01 -7.40 23.13
N LEU A 181 -8.67 -6.33 22.67
CA LEU A 181 -9.25 -5.38 23.61
C LEU A 181 -10.32 -6.04 24.47
N LYS A 182 -11.10 -6.95 23.89
CA LYS A 182 -12.18 -7.60 24.63
C LYS A 182 -11.65 -8.42 25.80
N GLU A 183 -10.57 -9.18 25.59
CA GLU A 183 -10.01 -9.86 26.77
C GLU A 183 -9.30 -8.91 27.73
N GLU A 184 -9.11 -7.64 27.36
CA GLU A 184 -8.51 -6.66 28.26
C GLU A 184 -9.66 -5.93 28.95
N ALA A 185 -10.00 -6.36 30.16
CA ALA A 185 -11.17 -5.87 30.89
C ALA A 185 -10.72 -5.06 32.12
N GLY A 186 -10.53 -3.77 31.88
CA GLY A 186 -10.14 -2.81 32.91
C GLY A 186 -8.75 -2.81 33.52
N HIS A 187 -7.91 -3.78 33.19
CA HIS A 187 -6.59 -3.82 33.80
C HIS A 187 -5.65 -2.64 33.50
N TYR A 188 -5.57 -2.25 32.22
CA TYR A 188 -4.71 -1.15 31.73
C TYR A 188 -4.91 -0.97 30.23
N PRO A 189 -4.59 0.22 29.70
CA PRO A 189 -4.74 0.34 28.24
C PRO A 189 -3.87 -0.64 27.48
N LEU A 190 -4.50 -1.57 26.77
CA LEU A 190 -3.75 -2.58 26.02
C LEU A 190 -2.91 -1.94 24.92
N GLU A 191 -3.43 -0.91 24.26
CA GLU A 191 -2.66 -0.23 23.23
C GLU A 191 -1.39 0.40 23.81
N LYS A 192 -1.51 0.98 25.01
CA LYS A 192 -0.34 1.58 25.65
C LYS A 192 0.69 0.51 26.03
N ARG A 193 0.22 -0.64 26.53
CA ARG A 193 1.14 -1.72 26.86
C ARG A 193 1.84 -2.25 25.61
N VAL A 194 1.09 -2.38 24.51
CA VAL A 194 1.68 -2.85 23.26
C VAL A 194 2.72 -1.86 22.76
N GLU A 195 2.41 -0.57 22.82
CA GLU A 195 3.36 0.45 22.38
C GLU A 195 4.60 0.48 23.26
N GLU A 196 4.45 0.26 24.56
CA GLU A 196 5.60 0.22 25.45
C GLU A 196 6.47 -1.00 25.16
N CYS A 197 5.85 -2.15 24.96
CA CYS A 197 6.61 -3.35 24.62
C CYS A 197 7.10 -3.33 23.18
N LEU A 198 6.60 -2.40 22.36
CA LEU A 198 7.15 -2.16 21.03
C LEU A 198 8.30 -1.16 21.05
N ARG A 199 8.81 -0.82 22.24
CA ARG A 199 9.88 0.16 22.40
C ARG A 199 9.48 1.52 21.81
N GLY A 200 8.33 2.02 22.27
CA GLY A 200 7.85 3.30 21.79
C GLY A 200 7.22 3.28 20.43
N GLY A 201 6.81 2.12 19.94
CA GLY A 201 6.24 2.02 18.61
C GLY A 201 4.78 2.44 18.59
N LYS A 202 4.14 2.12 17.47
CA LYS A 202 2.74 2.45 17.25
C LYS A 202 2.02 1.24 16.68
N ILE A 203 0.70 1.34 16.61
CA ILE A 203 -0.15 0.23 16.17
C ILE A 203 -0.92 0.68 14.94
N ILE A 204 -0.89 -0.15 13.90
CA ILE A 204 -1.62 0.09 12.66
C ILE A 204 -2.64 -1.01 12.52
N THR A 205 -3.92 -0.67 12.68
CA THR A 205 -5.00 -1.62 12.51
C THR A 205 -5.54 -1.52 11.09
N THR A 206 -5.51 -2.63 10.37
CA THR A 206 -5.89 -2.63 8.96
C THR A 206 -6.79 -3.82 8.63
N PRO A 207 -7.85 -3.59 7.84
CA PRO A 207 -8.64 -4.71 7.35
C PRO A 207 -8.09 -5.27 6.06
N ARG A 208 -6.77 -5.48 5.98
CA ARG A 208 -6.13 -5.99 4.79
C ARG A 208 -5.41 -7.31 5.02
N ILE A 209 -5.20 -7.72 6.27
CA ILE A 209 -4.61 -9.01 6.60
C ILE A 209 -5.46 -9.66 7.68
N GLU A 210 -5.34 -10.97 7.78
CA GLU A 210 -6.09 -11.74 8.78
C GLU A 210 -5.33 -11.78 10.10
N ASP A 211 -4.07 -12.21 10.07
CA ASP A 211 -3.24 -12.26 11.27
C ASP A 211 -2.57 -10.92 11.51
N ALA A 212 -1.60 -10.88 12.41
CA ALA A 212 -0.85 -9.67 12.72
C ALA A 212 0.47 -9.67 11.96
N LEU A 213 1.24 -8.61 12.18
CA LEU A 213 2.47 -8.39 11.43
C LEU A 213 3.27 -7.30 12.11
N VAL A 214 4.59 -7.49 12.18
CA VAL A 214 5.49 -6.55 12.82
C VAL A 214 6.58 -6.16 11.82
N VAL A 215 6.78 -4.85 11.64
CA VAL A 215 7.82 -4.34 10.76
C VAL A 215 8.58 -3.24 11.49
N SER A 216 9.76 -2.92 10.97
CA SER A 216 10.60 -1.86 11.49
C SER A 216 10.55 -0.65 10.57
N GLU A 217 10.48 0.54 11.16
CA GLU A 217 10.35 1.78 10.42
C GLU A 217 11.69 2.46 10.14
N ARG A 218 12.80 1.77 10.34
CA ARG A 218 14.11 2.39 10.17
C ARG A 218 14.29 2.92 8.76
N GLY A 219 13.65 2.31 7.78
CA GLY A 219 13.71 2.77 6.41
C GLY A 219 14.69 1.97 5.57
N GLY A 220 14.47 2.00 4.27
CA GLY A 220 15.32 1.28 3.34
C GLY A 220 15.10 -0.21 3.33
N ASP A 221 13.96 -0.68 3.84
CA ASP A 221 13.64 -2.10 3.89
C ASP A 221 12.53 -2.50 2.94
N PHE A 222 11.47 -1.69 2.84
CA PHE A 222 10.27 -2.04 2.08
C PHE A 222 10.04 -0.92 1.07
N LYS A 223 10.49 -1.10 -0.16
CA LYS A 223 10.34 -0.06 -1.17
C LYS A 223 9.01 -0.21 -1.91
N LEU A 224 8.33 0.91 -2.09
CA LEU A 224 7.18 1.01 -2.99
C LEU A 224 7.62 1.90 -4.16
N ILE A 225 8.02 1.27 -5.25
CA ILE A 225 8.54 2.01 -6.40
C ILE A 225 7.36 2.56 -7.19
N LEU A 226 7.34 3.87 -7.37
CA LEU A 226 6.27 4.55 -8.10
C LEU A 226 6.81 5.09 -9.41
N GLY A 227 6.10 4.81 -10.49
CA GLY A 227 6.38 5.47 -11.75
C GLY A 227 5.58 6.74 -11.84
N GLN A 228 4.27 6.63 -11.63
CA GLN A 228 3.37 7.76 -11.53
C GLN A 228 2.45 7.53 -10.35
N ASP A 229 2.44 8.45 -9.40
CA ASP A 229 1.61 8.30 -8.21
C ASP A 229 0.13 8.31 -8.59
N LEU A 230 -0.71 7.99 -7.61
CA LEU A 230 -2.14 7.94 -7.82
C LEU A 230 -2.66 9.26 -8.37
N SER A 231 -3.18 9.21 -9.59
CA SER A 231 -3.62 10.40 -10.31
C SER A 231 -4.97 10.14 -10.95
N ILE A 232 -5.69 11.22 -11.23
CA ILE A 232 -7.02 11.16 -11.82
C ILE A 232 -6.98 11.88 -13.16
N GLY A 233 -7.47 11.23 -14.20
CA GLY A 233 -7.54 11.82 -15.52
C GLY A 233 -8.94 11.75 -16.11
N TYR A 234 -9.07 12.09 -17.39
CA TYR A 234 -10.36 12.10 -18.07
C TYR A 234 -10.26 11.30 -19.35
N GLU A 235 -11.23 10.41 -19.58
CA GLU A 235 -11.24 9.57 -20.77
C GLU A 235 -12.22 10.06 -21.83
N ASP A 236 -13.51 10.17 -21.48
CA ASP A 236 -14.53 10.55 -22.44
C ASP A 236 -15.76 11.02 -21.68
N ARG A 237 -16.75 11.52 -22.42
CA ARG A 237 -18.00 12.03 -21.87
C ARG A 237 -19.15 11.22 -22.44
N GLU A 238 -19.90 10.55 -21.57
CA GLU A 238 -20.99 9.67 -21.99
C GLU A 238 -22.34 10.40 -22.00
N LYS A 239 -22.36 11.60 -22.60
CA LYS A 239 -23.52 12.40 -22.98
C LYS A 239 -24.38 12.81 -21.78
N ASP A 240 -24.09 12.25 -20.61
CA ASP A 240 -24.71 12.67 -19.35
C ASP A 240 -23.70 12.81 -18.23
N ALA A 241 -22.64 12.02 -18.27
CA ALA A 241 -21.59 11.99 -17.26
C ALA A 241 -20.23 12.01 -17.95
N VAL A 242 -19.19 12.19 -17.16
CA VAL A 242 -17.82 12.16 -17.64
C VAL A 242 -17.13 10.92 -17.08
N ARG A 243 -16.49 10.15 -17.95
CA ARG A 243 -15.81 8.93 -17.54
C ARG A 243 -14.37 9.29 -17.19
N LEU A 244 -14.11 9.52 -15.91
CA LEU A 244 -12.77 9.77 -15.41
C LEU A 244 -12.14 8.46 -14.98
N PHE A 245 -10.83 8.49 -14.78
CA PHE A 245 -10.08 7.29 -14.42
C PHE A 245 -9.05 7.62 -13.36
N ILE A 246 -8.66 6.60 -12.59
CA ILE A 246 -7.58 6.70 -11.62
C ILE A 246 -6.45 5.80 -12.11
N THR A 247 -5.27 6.38 -12.29
CA THR A 247 -4.13 5.64 -12.83
C THR A 247 -2.97 5.70 -11.86
N GLU A 248 -2.14 4.65 -11.89
CA GLU A 248 -0.96 4.56 -11.05
C GLU A 248 -0.05 3.48 -11.61
N THR A 249 1.22 3.81 -11.78
CA THR A 249 2.23 2.86 -12.23
C THR A 249 3.19 2.62 -11.08
N PHE A 250 3.31 1.37 -10.66
CA PHE A 250 4.06 1.07 -9.46
C PHE A 250 4.48 -0.39 -9.43
N THR A 251 5.46 -0.68 -8.57
CA THR A 251 5.80 -2.05 -8.19
C THR A 251 6.26 -2.03 -6.74
N PHE A 252 6.44 -3.22 -6.18
CA PHE A 252 6.80 -3.36 -4.78
C PHE A 252 7.99 -4.30 -4.66
N GLN A 253 8.82 -4.06 -3.64
CA GLN A 253 10.02 -4.86 -3.44
C GLN A 253 10.33 -4.95 -1.96
N VAL A 254 10.42 -6.17 -1.44
CA VAL A 254 10.87 -6.41 -0.07
C VAL A 254 12.38 -6.60 -0.13
N VAL A 255 13.13 -5.56 0.23
CA VAL A 255 14.59 -5.63 0.16
C VAL A 255 15.13 -6.52 1.26
N ASN A 256 14.85 -6.17 2.52
CA ASN A 256 15.32 -6.95 3.65
C ASN A 256 14.15 -7.68 4.29
N PRO A 257 13.99 -8.98 4.07
CA PRO A 257 12.94 -9.72 4.80
C PRO A 257 13.19 -9.77 6.29
N GLU A 258 14.41 -9.52 6.75
CA GLU A 258 14.73 -9.53 8.17
C GLU A 258 14.02 -8.43 8.94
N ALA A 259 13.51 -7.41 8.25
CA ALA A 259 12.72 -6.35 8.89
C ALA A 259 11.24 -6.69 8.93
N LEU A 260 10.89 -7.97 8.87
CA LEU A 260 9.51 -8.42 8.80
C LEU A 260 9.35 -9.65 9.67
N ILE A 261 8.33 -9.65 10.51
CA ILE A 261 8.00 -10.79 11.37
C ILE A 261 6.49 -10.95 11.38
N LEU A 262 6.00 -12.10 10.93
CA LEU A 262 4.58 -12.37 10.89
C LEU A 262 4.15 -13.13 12.14
N LEU A 263 3.03 -12.70 12.73
CA LEU A 263 2.47 -13.37 13.90
C LEU A 263 1.35 -14.30 13.46
N LYS A 264 1.26 -15.45 14.12
CA LYS A 264 0.26 -16.47 13.80
C LYS A 264 0.36 -16.92 12.36
N1 FMN B . -27.59 19.91 -17.70
C2 FMN B . -26.34 19.84 -17.18
O2 FMN B . -25.50 19.10 -17.74
N3 FMN B . -25.95 20.53 -16.10
C4 FMN B . -26.79 21.34 -15.43
O4 FMN B . -26.41 21.97 -14.43
C4A FMN B . -28.18 21.48 -15.94
N5 FMN B . -29.09 22.28 -15.33
C5A FMN B . -30.35 22.39 -15.81
C6 FMN B . -31.26 23.22 -15.17
C7 FMN B . -32.55 23.34 -15.66
C7M FMN B . -33.53 24.24 -14.96
C8 FMN B . -32.97 22.58 -16.86
C8M FMN B . -34.38 22.70 -17.39
C9 FMN B . -32.06 21.74 -17.51
C9A FMN B . -30.76 21.63 -17.02
N10 FMN B . -29.84 20.79 -17.67
C10 FMN B . -28.53 20.70 -17.14
C1' FMN B . -30.22 20.03 -18.86
C2' FMN B . -30.18 18.51 -18.64
O2' FMN B . -29.97 18.19 -17.26
C3' FMN B . -29.09 17.88 -19.48
O3' FMN B . -27.87 18.60 -19.29
C4' FMN B . -29.45 17.90 -20.96
O4' FMN B . -29.64 19.25 -21.38
C5' FMN B . -30.74 17.10 -21.21
O5' FMN B . -30.52 16.17 -22.26
P FMN B . -31.56 14.96 -22.51
O1P FMN B . -32.48 15.49 -23.59
O2P FMN B . -30.69 13.81 -22.95
O3P FMN B . -32.21 14.76 -21.17
#